data_7RUP
#
_entry.id   7RUP
#
_cell.length_a   32.779
_cell.length_b   38.319
_cell.length_c   62.064
_cell.angle_alpha   90.00
_cell.angle_beta   90.00
_cell.angle_gamma   90.00
#
_symmetry.space_group_name_H-M   'P 21 21 21'
#
loop_
_entity.id
_entity.type
_entity.pdbx_description
1 polymer 'GRB10-interacting GYF protein 2'
2 polymer 'Trinucleotide repeat-containing gene 6A protein'
3 non-polymer 'SULFATE ION'
4 water water
#
loop_
_entity_poly.entity_id
_entity_poly.type
_entity_poly.pdbx_seq_one_letter_code
_entity_poly.pdbx_strand_id
1 'polypeptide(L)' GPLEMHEAMQKWYYKDPQGEIQGPFNNQEMAEWFQAGYFTMSLLVKRA(CSO)DESFQPLGDIMKMWGRVPFSPGPA A
2 'polypeptide(L)' GPLGSAPSRPPPGLTG B
#
# COMPACT_ATOMS: atom_id res chain seq x y z
N GLN A 10 9.53 -8.32 -0.41
CA GLN A 10 8.21 -8.58 -0.98
C GLN A 10 7.09 -8.60 0.09
N LYS A 11 7.39 -8.03 1.26
CA LYS A 11 6.54 -8.03 2.46
C LYS A 11 6.00 -6.63 2.66
N TRP A 12 4.71 -6.41 2.32
CA TRP A 12 4.11 -5.09 2.39
C TRP A 12 3.32 -4.83 3.66
N TYR A 13 3.47 -3.62 4.18
CA TYR A 13 2.71 -3.12 5.32
C TYR A 13 2.07 -1.79 4.95
N TYR A 14 0.97 -1.48 5.61
CA TYR A 14 0.36 -0.16 5.52
C TYR A 14 -0.19 0.23 6.88
N LYS A 15 -0.35 1.52 7.10
CA LYS A 15 -1.04 1.99 8.29
C LYS A 15 -2.53 2.15 8.02
N ASP A 16 -3.33 1.71 8.95
CA ASP A 16 -4.76 1.96 8.87
C ASP A 16 -5.07 3.33 9.45
N PRO A 17 -6.34 3.77 9.38
CA PRO A 17 -6.66 5.15 9.79
C PRO A 17 -6.39 5.44 11.26
N GLN A 18 -6.31 4.41 12.10
CA GLN A 18 -5.97 4.58 13.50
C GLN A 18 -4.47 4.54 13.73
N GLY A 19 -3.69 4.35 12.70
CA GLY A 19 -2.27 4.26 12.87
C GLY A 19 -1.73 2.87 13.11
N GLU A 20 -2.59 1.85 13.14
N GLU A 20 -2.57 1.84 13.12
CA GLU A 20 -2.12 0.48 13.34
CA GLU A 20 -2.10 0.48 13.33
C GLU A 20 -1.45 -0.05 12.07
C GLU A 20 -1.45 -0.06 12.06
N ILE A 21 -0.31 -0.72 12.23
CA ILE A 21 0.44 -1.27 11.11
C ILE A 21 -0.12 -2.64 10.75
N GLN A 22 -0.66 -2.75 9.55
CA GLN A 22 -1.23 -3.98 9.01
C GLN A 22 -0.23 -4.64 8.09
N GLY A 23 -0.22 -5.97 8.09
CA GLY A 23 0.63 -6.76 7.22
C GLY A 23 1.43 -7.81 7.96
N PRO A 24 2.33 -8.51 7.25
CA PRO A 24 2.72 -8.29 5.86
C PRO A 24 1.78 -8.93 4.87
N PHE A 25 1.70 -8.31 3.71
CA PHE A 25 0.89 -8.74 2.56
C PHE A 25 1.78 -8.92 1.36
N ASN A 26 1.40 -9.82 0.46
CA ASN A 26 2.22 -9.97 -0.75
C ASN A 26 1.83 -8.98 -1.85
N ASN A 27 2.65 -8.95 -2.91
CA ASN A 27 2.46 -8.00 -4.00
C ASN A 27 1.06 -8.14 -4.58
N GLN A 28 0.62 -9.38 -4.80
CA GLN A 28 -0.68 -9.60 -5.47
C GLN A 28 -1.82 -9.07 -4.63
N GLU A 29 -1.76 -9.29 -3.31
CA GLU A 29 -2.83 -8.78 -2.45
C GLU A 29 -2.91 -7.27 -2.48
N MET A 30 -1.76 -6.60 -2.42
CA MET A 30 -1.70 -5.15 -2.48
C MET A 30 -2.21 -4.65 -3.82
N ALA A 31 -1.78 -5.29 -4.91
CA ALA A 31 -2.19 -4.84 -6.24
C ALA A 31 -3.69 -4.97 -6.41
N GLU A 32 -4.27 -6.07 -5.94
CA GLU A 32 -5.71 -6.27 -6.01
C GLU A 32 -6.45 -5.16 -5.27
N TRP A 33 -6.03 -4.86 -4.03
CA TRP A 33 -6.71 -3.85 -3.24
C TRP A 33 -6.56 -2.48 -3.89
N PHE A 34 -5.37 -2.21 -4.47
CA PHE A 34 -5.14 -0.96 -5.17
C PHE A 34 -6.06 -0.81 -6.38
N GLN A 35 -6.15 -1.85 -7.19
CA GLN A 35 -7.03 -1.80 -8.38
C GLN A 35 -8.50 -1.74 -8.00
N ALA A 36 -8.90 -2.34 -6.88
CA ALA A 36 -10.27 -2.31 -6.43
C ALA A 36 -10.68 -0.93 -5.91
N GLY A 37 -9.72 -0.08 -5.59
CA GLY A 37 -9.98 1.28 -5.18
C GLY A 37 -9.94 1.53 -3.69
N TYR A 38 -9.50 0.58 -2.88
CA TYR A 38 -9.50 0.81 -1.44
C TYR A 38 -8.49 1.82 -0.98
N PHE A 39 -7.43 2.04 -1.73
CA PHE A 39 -6.32 2.87 -1.29
C PHE A 39 -6.36 4.25 -1.93
N THR A 40 -6.36 5.30 -1.10
CA THR A 40 -6.09 6.64 -1.60
C THR A 40 -4.60 6.84 -1.77
N MET A 41 -4.22 7.96 -2.39
N MET A 41 -4.21 7.93 -2.40
CA MET A 41 -2.82 8.30 -2.58
CA MET A 41 -2.79 8.20 -2.57
C MET A 41 -2.14 8.69 -1.28
C MET A 41 -2.15 8.82 -1.33
N SER A 42 -2.90 8.89 -0.21
CA SER A 42 -2.38 9.23 1.10
C SER A 42 -2.09 8.01 1.96
N LEU A 43 -2.44 6.81 1.51
CA LEU A 43 -2.17 5.62 2.30
C LEU A 43 -0.66 5.48 2.48
N LEU A 44 -0.23 5.23 3.73
CA LEU A 44 1.18 5.08 4.08
C LEU A 44 1.57 3.61 3.99
N VAL A 45 2.57 3.32 3.16
CA VAL A 45 2.99 1.94 2.93
C VAL A 45 4.50 1.83 3.06
N LYS A 46 4.95 0.60 3.34
CA LYS A 46 6.39 0.28 3.23
C LYS A 46 6.54 -1.22 3.29
N ARG A 47 7.66 -1.69 2.74
CA ARG A 47 8.14 -3.03 2.95
C ARG A 47 9.09 -3.01 4.15
N ALA A 48 9.30 -4.17 4.76
CA ALA A 48 10.22 -4.26 5.89
C ALA A 48 11.58 -3.67 5.53
N ASP A 50 12.32 -1.22 3.42
CA ASP A 50 12.35 0.20 3.10
C ASP A 50 12.78 1.07 4.27
N GLU A 51 13.29 2.26 3.95
CA GLU A 51 13.70 3.19 4.98
C GLU A 51 12.54 3.65 5.87
N SER A 52 11.41 4.02 5.27
CA SER A 52 10.34 4.73 5.98
CA SER A 52 10.33 4.67 6.00
C SER A 52 9.01 4.41 5.32
N PHE A 53 7.92 4.59 6.06
CA PHE A 53 6.60 4.70 5.41
C PHE A 53 6.59 5.90 4.48
N GLN A 54 5.89 5.76 3.36
CA GLN A 54 5.68 6.82 2.38
C GLN A 54 4.23 6.74 1.95
N PRO A 55 3.57 7.89 1.68
CA PRO A 55 2.25 7.82 1.02
C PRO A 55 2.44 7.32 -0.40
N LEU A 56 1.44 6.57 -0.87
CA LEU A 56 1.46 6.08 -2.25
C LEU A 56 1.75 7.20 -3.25
N GLY A 57 1.17 8.38 -3.02
CA GLY A 57 1.39 9.47 -3.96
C GLY A 57 2.85 9.91 -4.03
N ASP A 58 3.58 9.85 -2.91
CA ASP A 58 5.00 10.21 -2.97
C ASP A 58 5.80 9.17 -3.73
N ILE A 59 5.45 7.90 -3.55
CA ILE A 59 6.09 6.82 -4.33
C ILE A 59 5.84 7.04 -5.82
N MET A 60 4.58 7.33 -6.19
CA MET A 60 4.28 7.62 -7.59
C MET A 60 5.09 8.82 -8.09
N LYS A 61 5.20 9.89 -7.30
CA LYS A 61 5.94 11.07 -7.74
CA LYS A 61 5.93 11.06 -7.78
C LYS A 61 7.42 10.76 -7.93
N MET A 62 7.99 9.90 -7.07
CA MET A 62 9.42 9.65 -7.08
C MET A 62 9.85 8.59 -8.07
N TRP A 63 9.05 7.54 -8.26
CA TRP A 63 9.39 6.43 -9.12
C TRP A 63 8.52 6.29 -10.35
N GLY A 64 7.38 7.00 -10.43
CA GLY A 64 6.48 6.87 -11.54
C GLY A 64 5.58 5.65 -11.49
N ARG A 65 5.65 4.85 -10.45
CA ARG A 65 4.89 3.63 -10.27
C ARG A 65 5.05 3.22 -8.81
N VAL A 66 4.17 2.34 -8.35
CA VAL A 66 4.32 1.68 -7.05
C VAL A 66 4.82 0.26 -7.30
N PRO A 67 5.67 -0.29 -6.44
CA PRO A 67 6.39 -1.52 -6.84
C PRO A 67 5.50 -2.72 -7.02
N PHE A 68 4.37 -2.79 -6.33
CA PHE A 68 3.52 -3.96 -6.38
C PHE A 68 2.62 -3.97 -7.61
N SER A 69 2.62 -2.92 -8.43
CA SER A 69 1.76 -2.95 -9.61
C SER A 69 2.26 -4.01 -10.59
N PRO A 70 1.39 -4.88 -11.09
CA PRO A 70 1.86 -5.94 -11.99
C PRO A 70 1.93 -5.49 -13.43
N GLY A 71 2.60 -6.31 -14.24
CA GLY A 71 2.76 -6.00 -15.66
C GLY A 71 3.85 -6.83 -16.28
N PRO A 72 4.18 -6.58 -17.54
CA PRO A 72 5.12 -7.45 -18.24
C PRO A 72 6.58 -7.16 -17.95
N SER B 8 -13.59 -11.62 -2.25
CA SER B 8 -12.23 -11.10 -1.99
C SER B 8 -12.28 -10.22 -0.72
N ARG B 9 -11.46 -10.49 0.29
CA ARG B 9 -11.57 -9.74 1.53
C ARG B 9 -11.14 -8.28 1.30
N PRO B 10 -11.70 -7.36 2.06
CA PRO B 10 -11.15 -6.01 2.10
C PRO B 10 -9.82 -5.98 2.83
N PRO B 11 -9.08 -4.88 2.72
CA PRO B 11 -7.82 -4.77 3.46
C PRO B 11 -8.07 -4.69 4.95
N PRO B 12 -7.38 -5.51 5.75
CA PRO B 12 -7.50 -5.37 7.21
C PRO B 12 -7.37 -3.92 7.65
N GLY B 13 -8.29 -3.49 8.50
CA GLY B 13 -8.27 -2.13 9.00
C GLY B 13 -8.90 -1.11 8.08
N LEU B 14 -9.29 -1.49 6.88
CA LEU B 14 -10.07 -0.66 5.92
C LEU B 14 -11.40 -1.40 5.65
N THR B 15 -12.45 -0.68 5.30
CA THR B 15 -13.74 -1.34 5.07
C THR B 15 -14.25 -1.35 3.63
N GLY B 16 -13.90 -0.34 2.84
CA GLY B 16 -14.60 -0.09 1.56
C GLY B 16 -15.89 0.69 1.83
#